data_5XNA
#
_entry.id   5XNA
#
_cell.length_a   53.672
_cell.length_b   57.799
_cell.length_c   110.903
_cell.angle_alpha   90.00
_cell.angle_beta   90.00
_cell.angle_gamma   90.00
#
_symmetry.space_group_name_H-M   'P 21 21 21'
#
loop_
_entity.id
_entity.type
_entity.pdbx_description
1 polymer SAHS1
2 non-polymer 'ZINC ION'
3 non-polymer 'MAGNESIUM ION'
4 non-polymer 1,2-ETHANEDIOL
5 non-polymer 'CHLORIDE ION'
6 non-polymer 'HEPTANOIC ACID'
7 non-polymer 'ACETIC ACID'
8 water water
#
_entity_poly.entity_id   1
_entity_poly.type   'polypeptide(L)'
_entity_poly.pdbx_seq_one_letter_code
;SEWTGKSWMGKWESTDRIENFDAFISALGLPLEQYGGNHKTFHKIWKEGDHYHHQISVPDKNYKNDVNFKLNEEGTTQHN
NTEIKYKYTEDGGNLKAEVHVPSRNKVIHDEYKVNGDELEKTYKVGDVTAKRWYKKSS
;
_entity_poly.pdbx_strand_id   A,B
#
loop_
_chem_comp.id
_chem_comp.type
_chem_comp.name
_chem_comp.formula
ACY non-polymer 'ACETIC ACID' 'C2 H4 O2'
CL non-polymer 'CHLORIDE ION' 'Cl -1'
EDO non-polymer 1,2-ETHANEDIOL 'C2 H6 O2'
MG non-polymer 'MAGNESIUM ION' 'Mg 2'
SHV non-polymer 'HEPTANOIC ACID' 'C7 H14 O2'
ZN non-polymer 'ZINC ION' 'Zn 2'
#
# COMPACT_ATOMS: atom_id res chain seq x y z
N SER A 1 10.30 -18.50 -21.81
CA SER A 1 10.99 -17.81 -20.71
C SER A 1 11.71 -16.56 -21.16
N GLU A 2 11.44 -15.43 -20.50
CA GLU A 2 12.13 -14.18 -20.77
C GLU A 2 12.67 -13.65 -19.45
N TRP A 3 13.95 -13.30 -19.43
CA TRP A 3 14.57 -12.80 -18.21
C TRP A 3 14.85 -11.30 -18.24
N THR A 4 14.47 -10.59 -19.31
CA THR A 4 14.67 -9.16 -19.43
C THR A 4 13.38 -8.49 -19.85
N GLY A 5 13.30 -7.18 -19.65
CA GLY A 5 12.13 -6.43 -20.05
C GLY A 5 11.56 -5.54 -18.97
N LYS A 6 11.87 -5.86 -17.71
CA LYS A 6 11.54 -5.06 -16.53
C LYS A 6 12.76 -5.05 -15.64
N SER A 7 13.03 -3.92 -14.98
CA SER A 7 14.25 -3.81 -14.18
C SER A 7 14.27 -4.82 -13.05
N TRP A 8 13.11 -5.22 -12.53
CA TRP A 8 13.04 -6.14 -11.41
C TRP A 8 13.11 -7.61 -11.83
N MET A 9 13.04 -7.91 -13.12
CA MET A 9 13.27 -9.27 -13.57
C MET A 9 14.73 -9.65 -13.40
N GLY A 10 14.97 -10.89 -12.99
CA GLY A 10 16.33 -11.39 -12.88
C GLY A 10 16.48 -12.35 -11.73
N LYS A 11 17.73 -12.72 -11.46
CA LYS A 11 18.11 -13.56 -10.32
C LYS A 11 18.80 -12.69 -9.29
N TRP A 12 18.19 -12.57 -8.12
CA TRP A 12 18.65 -11.67 -7.07
C TRP A 12 19.06 -12.47 -5.85
N GLU A 13 20.08 -12.00 -5.15
CA GLU A 13 20.67 -12.71 -4.03
C GLU A 13 20.88 -11.75 -2.88
N SER A 14 20.52 -12.18 -1.66
CA SER A 14 20.56 -11.26 -0.54
C SER A 14 22.01 -10.89 -0.18
N THR A 15 22.16 -9.72 0.43
CA THR A 15 23.48 -9.24 0.84
C THR A 15 23.55 -9.20 2.36
N ASP A 16 24.60 -8.57 2.89
N ASP A 16 24.61 -8.58 2.88
CA ASP A 16 24.65 -8.31 4.32
CA ASP A 16 24.67 -8.29 4.31
C ASP A 16 23.99 -6.99 4.70
C ASP A 16 23.85 -7.08 4.71
N ARG A 17 23.40 -6.28 3.75
CA ARG A 17 22.66 -5.05 4.02
C ARG A 17 21.21 -5.40 4.31
N ILE A 18 20.73 -5.03 5.51
CA ILE A 18 19.38 -5.35 5.95
C ILE A 18 19.04 -4.35 7.02
N GLU A 19 17.76 -4.00 7.14
CA GLU A 19 17.37 -2.93 8.05
C GLU A 19 16.02 -3.22 8.68
N ASN A 20 16.00 -3.30 10.01
CA ASN A 20 14.77 -3.35 10.81
C ASN A 20 13.94 -4.58 10.51
N PHE A 21 14.59 -5.65 10.04
CA PHE A 21 13.85 -6.80 9.55
C PHE A 21 13.22 -7.59 10.69
N ASP A 22 13.89 -7.71 11.83
CA ASP A 22 13.31 -8.47 12.93
C ASP A 22 12.09 -7.76 13.53
N ALA A 23 12.05 -6.43 13.49
CA ALA A 23 10.84 -5.73 13.92
C ALA A 23 9.68 -6.02 12.99
N PHE A 24 9.97 -6.15 11.68
CA PHE A 24 8.92 -6.51 10.72
C PHE A 24 8.39 -7.91 11.01
N ILE A 25 9.30 -8.87 11.19
CA ILE A 25 8.88 -10.24 11.49
C ILE A 25 8.10 -10.30 12.80
N SER A 26 8.53 -9.52 13.81
CA SER A 26 7.81 -9.49 15.08
C SER A 26 6.41 -8.94 14.91
N ALA A 27 6.28 -7.84 14.18
CA ALA A 27 4.97 -7.23 13.96
C ALA A 27 4.02 -8.19 13.26
N LEU A 28 4.56 -9.15 12.49
CA LEU A 28 3.78 -10.21 11.88
C LEU A 28 3.39 -11.31 12.86
N GLY A 29 4.00 -11.34 14.04
CA GLY A 29 3.72 -12.40 14.99
C GLY A 29 4.40 -13.71 14.66
N LEU A 30 5.65 -13.66 14.20
CA LEU A 30 6.40 -14.85 13.83
C LEU A 30 7.67 -14.95 14.66
N PRO A 31 8.13 -16.18 14.95
CA PRO A 31 9.33 -16.34 15.79
C PRO A 31 10.60 -15.86 15.08
N LEU A 32 11.41 -15.10 15.80
CA LEU A 32 12.63 -14.54 15.22
C LEU A 32 13.66 -15.63 14.93
N GLU A 33 13.81 -16.58 15.84
CA GLU A 33 14.84 -17.62 15.69
C GLU A 33 14.59 -18.53 14.50
N GLN A 34 13.43 -18.45 13.87
CA GLN A 34 13.16 -19.22 12.65
C GLN A 34 12.96 -18.37 11.41
N TYR A 35 12.57 -17.10 11.56
CA TYR A 35 12.26 -16.27 10.40
C TYR A 35 13.05 -14.97 10.37
N GLY A 36 13.76 -14.63 11.43
CA GLY A 36 14.59 -13.43 11.47
C GLY A 36 16.01 -13.72 11.09
N GLY A 37 16.88 -12.78 11.41
CA GLY A 37 18.23 -12.87 10.92
C GLY A 37 18.30 -12.50 9.45
N ASN A 38 19.37 -12.95 8.81
CA ASN A 38 19.69 -12.52 7.46
C ASN A 38 20.23 -13.71 6.67
N HIS A 39 19.46 -14.80 6.64
CA HIS A 39 19.88 -15.99 5.92
C HIS A 39 19.84 -15.76 4.41
N LYS A 40 20.76 -16.41 3.70
CA LYS A 40 20.91 -16.23 2.27
C LYS A 40 19.58 -16.55 1.58
N THR A 41 19.10 -15.58 0.81
CA THR A 41 17.76 -15.62 0.22
C THR A 41 17.88 -15.24 -1.24
N PHE A 42 17.16 -15.95 -2.11
CA PHE A 42 17.18 -15.66 -3.54
C PHE A 42 15.77 -15.32 -3.99
N HIS A 43 15.67 -14.28 -4.81
CA HIS A 43 14.45 -13.96 -5.53
C HIS A 43 14.76 -14.08 -7.01
N LYS A 44 14.01 -14.93 -7.72
N LYS A 44 14.02 -14.94 -7.72
CA LYS A 44 14.13 -15.09 -9.16
CA LYS A 44 14.14 -15.06 -9.16
C LYS A 44 12.79 -14.73 -9.78
C LYS A 44 12.79 -14.71 -9.75
N ILE A 45 12.78 -13.73 -10.65
CA ILE A 45 11.56 -13.25 -11.27
C ILE A 45 11.75 -13.25 -12.77
N TRP A 46 10.87 -13.92 -13.49
CA TRP A 46 10.99 -14.01 -14.93
C TRP A 46 9.60 -14.16 -15.52
N LYS A 47 9.50 -13.94 -16.84
CA LYS A 47 8.21 -14.00 -17.53
C LYS A 47 8.08 -15.30 -18.31
N GLU A 48 6.87 -15.88 -18.30
CA GLU A 48 6.58 -17.11 -19.05
C GLU A 48 5.37 -16.86 -19.95
N GLY A 49 5.58 -16.08 -21.00
CA GLY A 49 4.49 -15.83 -21.94
C GLY A 49 3.46 -14.89 -21.38
N ASP A 50 2.38 -15.44 -20.80
CA ASP A 50 1.25 -14.65 -20.33
C ASP A 50 1.22 -14.51 -18.81
N HIS A 51 2.30 -14.84 -18.12
CA HIS A 51 2.35 -14.71 -16.67
C HIS A 51 3.81 -14.60 -16.25
N TYR A 52 4.01 -14.26 -14.99
CA TYR A 52 5.34 -14.22 -14.39
C TYR A 52 5.49 -15.33 -13.37
N HIS A 53 6.73 -15.76 -13.19
N HIS A 53 6.73 -15.78 -13.22
CA HIS A 53 7.11 -16.63 -12.10
CA HIS A 53 7.14 -16.63 -12.11
C HIS A 53 7.98 -15.86 -11.12
C HIS A 53 7.95 -15.82 -11.12
N HIS A 54 7.69 -16.01 -9.82
CA HIS A 54 8.50 -15.41 -8.76
C HIS A 54 8.87 -16.54 -7.82
N GLN A 55 10.14 -16.94 -7.83
CA GLN A 55 10.61 -18.03 -6.98
C GLN A 55 11.41 -17.45 -5.84
N ILE A 56 11.01 -17.78 -4.61
CA ILE A 56 11.73 -17.35 -3.42
C ILE A 56 12.37 -18.58 -2.81
N SER A 57 13.67 -18.51 -2.53
CA SER A 57 14.34 -19.65 -1.93
C SER A 57 15.23 -19.19 -0.78
N VAL A 58 15.15 -19.93 0.34
CA VAL A 58 16.04 -19.78 1.49
C VAL A 58 16.62 -21.17 1.74
N PRO A 59 17.77 -21.50 1.13
CA PRO A 59 18.30 -22.87 1.24
C PRO A 59 18.57 -23.33 2.66
N ASP A 60 19.07 -22.46 3.54
CA ASP A 60 19.29 -22.87 4.94
C ASP A 60 18.02 -23.42 5.57
N LYS A 61 16.86 -22.89 5.17
CA LYS A 61 15.59 -23.23 5.75
C LYS A 61 14.78 -24.17 4.85
N ASN A 62 15.41 -24.77 3.84
CA ASN A 62 14.77 -25.72 2.95
C ASN A 62 13.46 -25.17 2.41
N TYR A 63 13.47 -23.88 2.09
CA TYR A 63 12.29 -23.14 1.67
C TYR A 63 12.42 -22.79 0.20
N LYS A 64 11.42 -23.18 -0.58
CA LYS A 64 11.34 -22.80 -1.98
C LYS A 64 9.87 -22.67 -2.31
N ASN A 65 9.46 -21.48 -2.74
CA ASN A 65 8.08 -21.20 -3.06
C ASN A 65 8.04 -20.60 -4.45
N ASP A 66 7.38 -21.28 -5.39
N ASP A 66 7.29 -21.24 -5.34
CA ASP A 66 7.21 -20.73 -6.72
CA ASP A 66 7.15 -20.82 -6.74
C ASP A 66 5.84 -20.09 -6.76
C ASP A 66 5.80 -20.11 -6.88
N VAL A 67 5.82 -18.77 -6.93
CA VAL A 67 4.62 -17.99 -7.06
C VAL A 67 4.43 -17.65 -8.53
N ASN A 68 3.22 -17.82 -9.04
CA ASN A 68 2.89 -17.37 -10.38
C ASN A 68 1.98 -16.17 -10.26
N PHE A 69 2.18 -15.17 -11.12
CA PHE A 69 1.30 -14.02 -11.07
C PHE A 69 1.13 -13.40 -12.45
N LYS A 70 -0.01 -12.76 -12.62
CA LYS A 70 -0.25 -11.81 -13.69
C LYS A 70 -0.42 -10.44 -13.07
N LEU A 71 0.20 -9.43 -13.66
CA LEU A 71 0.06 -8.09 -13.12
C LEU A 71 -1.40 -7.69 -13.01
N ASN A 72 -1.75 -7.06 -11.88
N ASN A 72 -1.77 -7.06 -11.89
CA ASN A 72 -3.10 -6.58 -11.59
CA ASN A 72 -3.11 -6.57 -11.63
C ASN A 72 -4.13 -7.71 -11.67
C ASN A 72 -4.16 -7.66 -11.41
N GLU A 73 -3.74 -8.92 -11.25
CA GLU A 73 -4.69 -10.01 -11.08
C GLU A 73 -4.40 -10.72 -9.76
N GLU A 74 -5.44 -10.94 -8.96
N GLU A 74 -5.45 -10.89 -8.95
CA GLU A 74 -5.24 -11.56 -7.65
CA GLU A 74 -5.31 -11.62 -7.70
C GLU A 74 -4.98 -13.05 -7.75
C GLU A 74 -4.78 -13.02 -7.95
N GLY A 75 -4.02 -13.53 -6.97
CA GLY A 75 -3.68 -14.94 -6.91
C GLY A 75 -3.66 -15.38 -5.46
N THR A 76 -3.50 -16.69 -5.26
CA THR A 76 -3.43 -17.23 -3.91
C THR A 76 -2.27 -18.22 -3.79
N THR A 77 -1.75 -18.34 -2.57
CA THR A 77 -0.72 -19.29 -2.23
C THR A 77 -1.03 -19.77 -0.82
N GLN A 78 -0.39 -20.85 -0.39
CA GLN A 78 -0.78 -21.48 0.87
C GLN A 78 0.20 -21.13 1.99
N HIS A 79 -0.33 -21.13 3.21
CA HIS A 79 0.43 -20.93 4.44
C HIS A 79 -0.25 -21.74 5.54
N ASN A 80 0.50 -22.65 6.16
CA ASN A 80 -0.10 -23.69 7.00
C ASN A 80 -1.06 -24.45 6.09
N ASN A 81 -2.36 -24.43 6.35
CA ASN A 81 -3.37 -24.88 5.39
C ASN A 81 -4.30 -23.74 4.99
N THR A 82 -3.90 -22.51 5.26
CA THR A 82 -4.77 -21.35 5.08
C THR A 82 -4.32 -20.53 3.88
N GLU A 83 -5.26 -19.82 3.29
CA GLU A 83 -5.03 -19.12 2.02
C GLU A 83 -4.41 -17.75 2.26
N ILE A 84 -3.37 -17.44 1.48
CA ILE A 84 -2.76 -16.12 1.42
C ILE A 84 -3.10 -15.53 0.05
N LYS A 85 -3.65 -14.33 0.02
CA LYS A 85 -3.98 -13.66 -1.23
C LYS A 85 -2.93 -12.60 -1.56
N TYR A 86 -2.57 -12.50 -2.84
CA TYR A 86 -1.61 -11.50 -3.27
C TYR A 86 -2.06 -10.88 -4.58
N LYS A 87 -1.57 -9.66 -4.84
CA LYS A 87 -1.77 -9.05 -6.14
C LYS A 87 -0.56 -8.18 -6.44
N TYR A 88 0.15 -8.49 -7.52
CA TYR A 88 1.31 -7.72 -7.92
C TYR A 88 0.89 -6.64 -8.90
N THR A 89 1.45 -5.44 -8.73
CA THR A 89 1.21 -4.32 -9.65
C THR A 89 2.54 -3.65 -9.93
N GLU A 90 2.61 -2.93 -11.06
CA GLU A 90 3.73 -2.06 -11.34
C GLU A 90 3.45 -0.65 -10.85
N ASP A 91 4.43 -0.07 -10.16
N ASP A 91 4.48 0.03 -10.33
CA ASP A 91 4.42 1.33 -9.76
CA ASP A 91 4.35 1.46 -10.07
C ASP A 91 5.48 2.00 -10.62
C ASP A 91 5.72 2.11 -10.24
N GLY A 92 5.08 2.39 -11.82
N GLY A 92 5.89 2.82 -11.37
CA GLY A 92 6.06 2.84 -12.79
CA GLY A 92 7.08 3.61 -11.60
C GLY A 92 6.99 1.68 -13.11
C GLY A 92 8.33 2.79 -11.84
N GLY A 93 8.27 1.86 -12.79
CA GLY A 93 9.33 0.93 -13.05
C GLY A 93 9.60 -0.06 -11.93
N ASN A 94 8.83 0.01 -10.84
CA ASN A 94 9.03 -0.88 -9.70
C ASN A 94 7.86 -1.84 -9.58
N LEU A 95 8.09 -2.92 -8.83
CA LEU A 95 7.08 -3.94 -8.59
C LEU A 95 6.62 -3.87 -7.15
N LYS A 96 5.29 -3.97 -6.96
CA LYS A 96 4.67 -3.97 -5.64
C LYS A 96 3.75 -5.17 -5.51
N ALA A 97 3.71 -5.77 -4.33
CA ALA A 97 2.77 -6.84 -4.03
C ALA A 97 1.92 -6.43 -2.83
N GLU A 98 0.61 -6.59 -2.97
CA GLU A 98 -0.37 -6.39 -1.89
C GLU A 98 -0.76 -7.75 -1.36
N VAL A 99 -0.49 -8.03 -0.09
CA VAL A 99 -0.65 -9.39 0.45
C VAL A 99 -1.65 -9.36 1.60
N HIS A 100 -2.69 -10.18 1.51
CA HIS A 100 -3.63 -10.39 2.62
C HIS A 100 -3.31 -11.69 3.33
N VAL A 101 -3.27 -11.66 4.66
CA VAL A 101 -3.15 -12.88 5.46
C VAL A 101 -4.42 -12.96 6.31
N PRO A 102 -5.50 -13.54 5.76
CA PRO A 102 -6.82 -13.40 6.40
C PRO A 102 -6.95 -14.11 7.72
N SER A 103 -6.29 -15.25 7.91
CA SER A 103 -6.30 -15.92 9.19
C SER A 103 -5.77 -15.03 10.31
N ARG A 104 -4.79 -14.17 9.99
N ARG A 104 -4.78 -14.18 9.99
CA ARG A 104 -4.11 -13.33 10.95
CA ARG A 104 -4.14 -13.33 10.99
C ARG A 104 -4.59 -11.88 10.94
C ARG A 104 -4.55 -11.86 10.90
N ASN A 105 -5.47 -11.51 10.00
CA ASN A 105 -5.92 -10.12 9.81
C ASN A 105 -4.72 -9.17 9.64
N LYS A 106 -3.83 -9.54 8.73
CA LYS A 106 -2.68 -8.72 8.39
C LYS A 106 -2.72 -8.37 6.91
N VAL A 107 -2.29 -7.15 6.60
CA VAL A 107 -2.03 -6.70 5.23
C VAL A 107 -0.55 -6.34 5.13
N ILE A 108 0.15 -6.95 4.18
CA ILE A 108 1.59 -6.76 4.01
C ILE A 108 1.83 -6.09 2.67
N HIS A 109 2.66 -5.06 2.67
N HIS A 109 2.74 -5.12 2.64
CA HIS A 109 3.16 -4.46 1.43
CA HIS A 109 3.14 -4.45 1.41
C HIS A 109 4.56 -4.97 1.16
C HIS A 109 4.59 -4.78 1.07
N ASP A 110 4.80 -5.45 -0.06
CA ASP A 110 6.13 -5.72 -0.57
C ASP A 110 6.43 -4.74 -1.70
N GLU A 111 7.68 -4.31 -1.79
N GLU A 111 7.65 -4.26 -1.75
CA GLU A 111 8.07 -3.38 -2.85
CA GLU A 111 8.07 -3.41 -2.85
C GLU A 111 9.48 -3.71 -3.34
C GLU A 111 9.43 -3.86 -3.33
N TYR A 112 9.62 -3.87 -4.65
CA TYR A 112 10.88 -4.25 -5.29
C TYR A 112 11.32 -3.05 -6.13
N LYS A 113 12.43 -2.42 -5.74
CA LYS A 113 12.93 -1.21 -6.38
C LYS A 113 14.38 -1.41 -6.78
N VAL A 114 14.67 -1.32 -8.07
CA VAL A 114 16.00 -1.59 -8.59
C VAL A 114 16.74 -0.26 -8.77
N ASN A 115 17.94 -0.16 -8.22
CA ASN A 115 18.78 1.03 -8.33
C ASN A 115 20.07 0.77 -9.08
N GLY A 116 20.76 -0.33 -8.77
CA GLY A 116 21.86 -0.78 -9.60
C GLY A 116 21.33 -1.50 -10.83
N ASP A 117 21.67 -2.77 -11.11
CA ASP A 117 22.61 -3.68 -10.42
C ASP A 117 22.15 -4.20 -9.04
N GLU A 118 21.32 -3.42 -8.35
CA GLU A 118 20.97 -3.73 -6.98
C GLU A 118 19.46 -3.60 -6.80
N LEU A 119 18.89 -4.48 -6.00
CA LEU A 119 17.45 -4.46 -5.75
C LEU A 119 17.22 -4.20 -4.27
N GLU A 120 16.43 -3.18 -3.96
N GLU A 120 16.41 -3.20 -3.97
CA GLU A 120 16.03 -2.94 -2.58
CA GLU A 120 15.97 -2.89 -2.61
C GLU A 120 14.58 -3.42 -2.42
C GLU A 120 14.55 -3.40 -2.41
N LYS A 121 14.36 -4.30 -1.45
CA LYS A 121 13.04 -4.80 -1.11
C LYS A 121 12.58 -4.15 0.17
N THR A 122 11.40 -3.57 0.14
CA THR A 122 10.80 -3.00 1.33
C THR A 122 9.61 -3.86 1.77
N TYR A 123 9.54 -4.14 3.07
CA TYR A 123 8.47 -4.91 3.68
C TYR A 123 7.74 -4.01 4.66
N LYS A 124 6.42 -3.91 4.53
N LYS A 124 6.41 -3.93 4.58
CA LYS A 124 5.65 -3.05 5.41
CA LYS A 124 5.69 -3.00 5.44
C LYS A 124 4.46 -3.83 5.96
C LYS A 124 4.38 -3.61 5.91
N VAL A 125 4.16 -3.58 7.23
CA VAL A 125 2.92 -4.07 7.81
C VAL A 125 2.50 -3.03 8.84
N GLY A 126 1.34 -2.42 8.62
CA GLY A 126 0.99 -1.24 9.41
C GLY A 126 2.08 -0.19 9.37
N ASP A 127 2.59 0.23 10.53
N ASP A 127 2.58 0.16 10.56
CA ASP A 127 3.60 1.28 10.60
CA ASP A 127 3.56 1.21 10.79
C ASP A 127 5.02 0.74 10.72
C ASP A 127 5.01 0.75 10.62
N VAL A 128 5.23 -0.56 10.52
CA VAL A 128 6.56 -1.15 10.64
C VAL A 128 7.13 -1.39 9.25
N THR A 129 8.29 -0.81 8.97
CA THR A 129 8.94 -0.87 7.66
C THR A 129 10.29 -1.56 7.80
N ALA A 130 10.56 -2.54 6.94
CA ALA A 130 11.88 -3.14 6.88
C ALA A 130 12.41 -3.10 5.45
N LYS A 131 13.72 -3.24 5.33
CA LYS A 131 14.37 -3.18 4.04
C LYS A 131 15.43 -4.26 3.95
N ARG A 132 15.64 -4.76 2.74
CA ARG A 132 16.69 -5.72 2.49
C ARG A 132 17.22 -5.47 1.09
N TRP A 133 18.54 -5.57 0.92
CA TRP A 133 19.14 -5.28 -0.37
C TRP A 133 19.68 -6.56 -1.01
N TYR A 134 19.48 -6.67 -2.30
CA TYR A 134 19.85 -7.84 -3.08
C TYR A 134 20.78 -7.41 -4.20
N LYS A 135 21.70 -8.30 -4.57
CA LYS A 135 22.54 -8.08 -5.73
C LYS A 135 22.20 -9.09 -6.83
N LYS A 136 22.41 -8.67 -8.07
CA LYS A 136 22.30 -9.58 -9.20
C LYS A 136 23.21 -10.78 -8.99
N SER A 137 22.67 -11.98 -9.17
CA SER A 137 23.47 -13.19 -9.06
C SER A 137 24.38 -13.33 -10.28
N SER B 1 -10.40 19.27 21.78
CA SER B 1 -10.07 19.57 20.37
C SER B 1 -8.82 20.41 20.18
N GLU B 2 -7.92 19.96 19.29
CA GLU B 2 -6.70 20.67 18.94
C GLU B 2 -6.61 20.76 17.42
N TRP B 3 -6.27 21.93 16.91
CA TRP B 3 -6.17 22.14 15.47
C TRP B 3 -4.75 22.27 14.97
N THR B 4 -3.75 22.22 15.85
CA THR B 4 -2.36 22.26 15.41
C THR B 4 -1.60 21.05 15.94
N GLY B 5 -0.45 20.80 15.32
CA GLY B 5 0.43 19.75 15.80
C GLY B 5 1.05 18.95 14.67
N LYS B 6 0.32 18.88 13.55
CA LYS B 6 0.78 18.16 12.36
C LYS B 6 0.48 19.00 11.14
N SER B 7 1.37 18.90 10.14
CA SER B 7 1.21 19.71 8.93
C SER B 7 -0.08 19.40 8.20
N TRP B 8 -0.56 18.16 8.30
CA TRP B 8 -1.77 17.75 7.60
C TRP B 8 -3.05 18.04 8.36
N MET B 9 -2.96 18.57 9.58
CA MET B 9 -4.16 19.02 10.26
C MET B 9 -4.62 20.35 9.68
N GLY B 10 -5.92 20.62 9.82
CA GLY B 10 -6.48 21.87 9.40
C GLY B 10 -7.66 21.67 8.48
N LYS B 11 -8.05 22.75 7.81
CA LYS B 11 -9.22 22.78 6.94
C LYS B 11 -8.75 23.02 5.52
N TRP B 12 -9.00 22.04 4.65
CA TRP B 12 -8.48 22.01 3.29
C TRP B 12 -9.65 22.01 2.32
N GLU B 13 -9.53 22.79 1.25
CA GLU B 13 -10.57 22.80 0.23
C GLU B 13 -9.95 22.59 -1.15
N SER B 14 -10.67 21.84 -1.98
CA SER B 14 -10.18 21.46 -3.29
C SER B 14 -10.03 22.67 -4.20
N THR B 15 -9.16 22.50 -5.19
CA THR B 15 -8.88 23.52 -6.21
C THR B 15 -9.28 22.94 -7.56
N ASP B 16 -8.97 23.66 -8.62
CA ASP B 16 -9.23 23.15 -9.96
C ASP B 16 -8.15 22.19 -10.44
N ARG B 17 -7.09 22.01 -9.67
CA ARG B 17 -6.01 21.12 -10.06
C ARG B 17 -6.37 19.69 -9.69
N ILE B 18 -6.51 18.81 -10.69
CA ILE B 18 -6.99 17.45 -10.49
C ILE B 18 -6.49 16.63 -11.65
N GLU B 19 -6.07 15.38 -11.38
N GLU B 19 -6.12 15.37 -11.37
CA GLU B 19 -5.50 14.54 -12.42
CA GLU B 19 -5.49 14.50 -12.36
C GLU B 19 -6.00 13.10 -12.28
C GLU B 19 -6.09 13.11 -12.23
N ASN B 20 -6.73 12.63 -13.30
CA ASN B 20 -7.13 11.23 -13.45
C ASN B 20 -8.16 10.78 -12.42
N PHE B 21 -8.96 11.70 -11.89
CA PHE B 21 -9.84 11.33 -10.78
C PHE B 21 -11.05 10.53 -11.27
N ASP B 22 -11.55 10.82 -12.47
CA ASP B 22 -12.65 10.02 -12.98
C ASP B 22 -12.21 8.58 -13.24
N ALA B 23 -10.97 8.40 -13.71
CA ALA B 23 -10.46 7.04 -13.91
C ALA B 23 -10.36 6.29 -12.59
N PHE B 24 -9.99 7.00 -11.51
CA PHE B 24 -9.97 6.40 -10.18
C PHE B 24 -11.38 6.03 -9.72
N ILE B 25 -12.34 6.96 -9.87
CA ILE B 25 -13.72 6.66 -9.47
C ILE B 25 -14.25 5.47 -10.26
N SER B 26 -13.92 5.39 -11.55
CA SER B 26 -14.40 4.27 -12.35
C SER B 26 -13.76 2.95 -11.91
N ALA B 27 -12.46 2.99 -11.58
CA ALA B 27 -11.77 1.80 -11.07
C ALA B 27 -12.36 1.31 -9.76
N LEU B 28 -13.08 2.16 -9.04
CA LEU B 28 -13.79 1.74 -7.84
C LEU B 28 -15.14 1.13 -8.16
N GLY B 29 -15.54 1.11 -9.42
CA GLY B 29 -16.84 0.57 -9.79
C GLY B 29 -18.02 1.44 -9.41
N LEU B 30 -17.77 2.76 -9.19
CA LEU B 30 -18.77 3.75 -8.80
C LEU B 30 -19.24 4.55 -10.00
N PRO B 31 -20.49 5.01 -10.00
CA PRO B 31 -21.00 5.80 -11.13
C PRO B 31 -20.42 7.21 -11.16
N LEU B 32 -19.95 7.63 -12.34
CA LEU B 32 -19.23 8.89 -12.46
C LEU B 32 -20.10 10.08 -12.13
N GLU B 33 -21.40 9.99 -12.41
CA GLU B 33 -22.31 11.10 -12.13
C GLU B 33 -22.25 11.50 -10.67
N GLN B 34 -22.36 10.52 -9.77
CA GLN B 34 -22.46 10.82 -8.34
C GLN B 34 -21.09 11.06 -7.71
N TYR B 35 -20.05 10.37 -8.16
CA TYR B 35 -18.79 10.35 -7.44
C TYR B 35 -17.63 11.04 -8.14
N GLY B 36 -17.73 11.30 -9.45
CA GLY B 36 -16.66 11.89 -10.21
C GLY B 36 -16.79 13.39 -10.36
N GLY B 37 -16.09 13.93 -11.35
CA GLY B 37 -16.04 15.36 -11.54
C GLY B 37 -15.10 16.04 -10.57
N ASN B 38 -15.16 17.36 -10.53
CA ASN B 38 -14.32 18.12 -9.60
C ASN B 38 -15.16 19.01 -8.69
N HIS B 39 -16.14 18.45 -8.01
CA HIS B 39 -16.97 19.26 -7.12
C HIS B 39 -16.19 19.64 -5.87
N LYS B 40 -16.49 20.83 -5.36
CA LYS B 40 -15.83 21.37 -4.17
C LYS B 40 -15.85 20.35 -3.05
N THR B 41 -14.65 19.99 -2.57
CA THR B 41 -14.49 18.98 -1.55
C THR B 41 -13.66 19.55 -0.43
N PHE B 42 -14.06 19.25 0.81
CA PHE B 42 -13.37 19.72 1.99
C PHE B 42 -12.84 18.55 2.79
N HIS B 43 -11.62 18.69 3.29
CA HIS B 43 -11.02 17.75 4.23
C HIS B 43 -10.68 18.54 5.48
N LYS B 44 -11.27 18.15 6.61
CA LYS B 44 -10.96 18.78 7.89
C LYS B 44 -10.41 17.72 8.80
N ILE B 45 -9.22 17.93 9.33
N ILE B 45 -9.20 17.94 9.31
CA ILE B 45 -8.58 16.93 10.18
CA ILE B 45 -8.54 16.98 10.18
C ILE B 45 -8.04 17.63 11.43
C ILE B 45 -8.09 17.70 11.45
N TRP B 46 -8.46 17.17 12.60
CA TRP B 46 -8.08 17.77 13.86
C TRP B 46 -7.91 16.67 14.90
N LYS B 47 -7.37 17.03 16.06
CA LYS B 47 -7.07 16.08 17.11
C LYS B 47 -8.09 16.19 18.25
N GLU B 48 -8.45 15.04 18.83
CA GLU B 48 -9.32 14.95 20.00
C GLU B 48 -8.66 13.97 20.96
N GLY B 49 -7.97 14.50 21.97
CA GLY B 49 -7.34 13.66 22.96
C GLY B 49 -6.34 12.73 22.33
N ASP B 50 -6.64 11.44 22.38
CA ASP B 50 -5.73 10.39 21.94
C ASP B 50 -5.92 10.00 20.49
N HIS B 51 -6.82 10.65 19.76
CA HIS B 51 -7.18 10.22 18.41
C HIS B 51 -7.43 11.44 17.53
N TYR B 52 -7.78 11.17 16.27
CA TYR B 52 -7.99 12.22 15.30
C TYR B 52 -9.38 12.08 14.68
N HIS B 53 -9.86 13.19 14.16
N HIS B 53 -9.85 13.19 14.14
CA HIS B 53 -11.08 13.25 13.38
CA HIS B 53 -11.07 13.25 13.38
C HIS B 53 -10.74 13.68 11.96
C HIS B 53 -10.76 13.71 11.96
N HIS B 54 -11.42 13.07 10.99
CA HIS B 54 -11.24 13.42 9.59
C HIS B 54 -12.64 13.54 9.01
N GLN B 55 -13.02 14.75 8.63
CA GLN B 55 -14.35 14.98 8.07
C GLN B 55 -14.20 15.32 6.60
N ILE B 56 -14.82 14.53 5.74
CA ILE B 56 -14.83 14.78 4.31
C ILE B 56 -16.23 15.26 3.95
N SER B 57 -16.30 16.35 3.19
CA SER B 57 -17.59 16.87 2.76
C SER B 57 -17.55 17.29 1.30
N VAL B 58 -18.62 16.97 0.57
CA VAL B 58 -18.86 17.54 -0.75
C VAL B 58 -20.24 18.18 -0.73
N PRO B 59 -20.34 19.48 -0.45
CA PRO B 59 -21.66 20.11 -0.28
C PRO B 59 -22.55 20.05 -1.52
N ASP B 60 -21.98 20.13 -2.73
CA ASP B 60 -22.75 19.92 -3.95
C ASP B 60 -23.59 18.65 -3.88
N LYS B 61 -22.95 17.53 -3.52
CA LYS B 61 -23.61 16.24 -3.43
C LYS B 61 -24.23 16.00 -2.07
N ASN B 62 -24.26 17.02 -1.21
CA ASN B 62 -24.85 16.91 0.13
C ASN B 62 -24.27 15.70 0.87
N TYR B 63 -22.97 15.49 0.72
CA TYR B 63 -22.28 14.30 1.21
C TYR B 63 -21.32 14.66 2.33
N LYS B 64 -21.36 13.88 3.40
CA LYS B 64 -20.52 14.13 4.57
C LYS B 64 -20.17 12.80 5.23
N ASN B 65 -18.91 12.68 5.64
CA ASN B 65 -18.42 11.48 6.31
C ASN B 65 -17.43 11.92 7.39
N ASP B 66 -17.70 11.55 8.63
CA ASP B 66 -16.83 11.88 9.76
C ASP B 66 -16.12 10.61 10.19
N VAL B 67 -14.79 10.62 10.14
CA VAL B 67 -13.97 9.45 10.42
C VAL B 67 -13.20 9.71 11.72
N ASN B 68 -13.27 8.76 12.65
CA ASN B 68 -12.42 8.75 13.83
C ASN B 68 -11.25 7.81 13.56
N PHE B 69 -10.03 8.25 13.82
CA PHE B 69 -8.91 7.32 13.68
C PHE B 69 -7.85 7.55 14.74
N LYS B 70 -7.24 6.46 15.16
CA LYS B 70 -5.98 6.46 15.90
C LYS B 70 -4.88 6.00 14.97
N LEU B 71 -3.76 6.70 14.96
CA LEU B 71 -2.68 6.31 14.08
C LEU B 71 -2.27 4.87 14.36
N ASN B 72 -2.14 4.07 13.29
N ASN B 72 -2.10 4.09 13.28
CA ASN B 72 -1.70 2.68 13.32
CA ASN B 72 -1.71 2.66 13.26
C ASN B 72 -2.75 1.70 13.83
C ASN B 72 -2.73 1.74 13.91
N GLU B 73 -3.99 2.15 14.04
CA GLU B 73 -5.04 1.30 14.57
C GLU B 73 -6.15 1.16 13.55
N GLU B 74 -6.53 -0.08 13.23
CA GLU B 74 -7.62 -0.31 12.29
C GLU B 74 -8.93 0.27 12.82
N GLY B 75 -9.65 0.96 11.93
CA GLY B 75 -11.00 1.41 12.20
C GLY B 75 -11.97 0.88 11.16
N THR B 76 -13.26 1.09 11.42
CA THR B 76 -14.32 0.61 10.54
C THR B 76 -15.36 1.71 10.36
N THR B 77 -15.78 1.95 9.12
CA THR B 77 -16.88 2.86 8.85
C THR B 77 -17.74 2.26 7.73
N GLN B 78 -18.74 3.01 7.27
CA GLN B 78 -19.67 2.55 6.24
C GLN B 78 -19.90 3.64 5.21
N HIS B 79 -20.06 3.23 3.96
CA HIS B 79 -20.69 4.06 2.95
C HIS B 79 -21.92 3.33 2.43
N ASN B 80 -23.07 4.01 2.49
CA ASN B 80 -24.37 3.38 2.66
C ASN B 80 -24.22 2.12 3.51
N ASN B 81 -24.42 0.95 2.93
CA ASN B 81 -24.39 -0.30 3.67
C ASN B 81 -23.21 -1.18 3.29
N THR B 82 -22.11 -0.57 2.84
CA THR B 82 -20.87 -1.27 2.55
C THR B 82 -19.83 -0.93 3.60
N GLU B 83 -19.26 -1.95 4.22
CA GLU B 83 -18.30 -1.77 5.30
C GLU B 83 -16.95 -1.36 4.71
N ILE B 84 -16.32 -0.39 5.34
CA ILE B 84 -15.01 0.10 4.92
C ILE B 84 -14.07 -0.04 6.10
N LYS B 85 -12.96 -0.74 5.89
CA LYS B 85 -11.93 -0.89 6.91
C LYS B 85 -10.77 0.03 6.55
N TYR B 86 -10.22 0.72 7.55
CA TYR B 86 -9.15 1.66 7.24
C TYR B 86 -8.09 1.68 8.33
N LYS B 87 -6.91 2.15 7.96
CA LYS B 87 -5.87 2.41 8.95
C LYS B 87 -5.02 3.57 8.45
N TYR B 88 -4.96 4.63 9.25
CA TYR B 88 -4.10 5.77 8.96
C TYR B 88 -2.75 5.58 9.64
N THR B 89 -1.69 6.00 8.95
CA THR B 89 -0.33 5.90 9.46
C THR B 89 0.41 7.14 9.00
N GLU B 90 1.56 7.40 9.63
CA GLU B 90 2.48 8.40 9.14
C GLU B 90 3.66 7.68 8.54
N ASP B 91 4.05 8.08 7.34
CA ASP B 91 5.13 7.41 6.64
C ASP B 91 5.90 8.48 5.90
N GLY B 92 7.18 8.62 6.21
CA GLY B 92 7.96 9.69 5.63
C GLY B 92 7.42 11.07 5.96
N GLY B 93 6.72 11.20 7.07
CA GLY B 93 6.08 12.45 7.42
C GLY B 93 4.79 12.77 6.69
N ASN B 94 4.40 11.96 5.71
CA ASN B 94 3.10 12.12 5.07
C ASN B 94 2.06 11.30 5.82
N LEU B 95 0.83 11.78 5.82
CA LEU B 95 -0.27 10.98 6.31
C LEU B 95 -0.70 10.01 5.21
N LYS B 96 -0.88 8.74 5.55
CA LYS B 96 -1.36 7.74 4.62
C LYS B 96 -2.61 7.07 5.16
N ALA B 97 -3.55 6.72 4.27
CA ALA B 97 -4.70 5.92 4.67
C ALA B 97 -4.73 4.64 3.86
N GLU B 98 -4.82 3.52 4.55
CA GLU B 98 -4.96 2.19 3.94
C GLU B 98 -6.44 1.85 4.03
N VAL B 99 -7.11 1.76 2.88
CA VAL B 99 -8.57 1.70 2.87
C VAL B 99 -8.98 0.43 2.14
N HIS B 100 -9.65 -0.47 2.83
CA HIS B 100 -10.06 -1.73 2.24
C HIS B 100 -11.57 -1.82 2.23
N VAL B 101 -12.11 -2.29 1.10
CA VAL B 101 -13.55 -2.52 0.95
C VAL B 101 -13.67 -4.01 0.63
N PRO B 102 -13.67 -4.88 1.63
CA PRO B 102 -13.54 -6.31 1.35
C PRO B 102 -14.68 -6.86 0.51
N SER B 103 -15.90 -6.36 0.72
CA SER B 103 -17.05 -6.89 -0.02
C SER B 103 -17.02 -6.51 -1.49
N ARG B 104 -16.18 -5.55 -1.87
CA ARG B 104 -15.96 -5.22 -3.27
C ARG B 104 -14.55 -5.54 -3.74
N ASN B 105 -13.76 -6.28 -2.94
N ASN B 105 -13.70 -6.13 -2.89
CA ASN B 105 -12.34 -6.56 -3.20
CA ASN B 105 -12.38 -6.59 -3.30
C ASN B 105 -11.64 -5.35 -3.84
C ASN B 105 -11.46 -5.41 -3.69
N LYS B 106 -11.68 -4.24 -3.10
CA LYS B 106 -11.02 -2.99 -3.51
C LYS B 106 -10.08 -2.55 -2.40
N VAL B 107 -8.83 -2.25 -2.76
CA VAL B 107 -7.86 -1.66 -1.86
C VAL B 107 -7.50 -0.29 -2.39
N ILE B 108 -7.64 0.73 -1.56
CA ILE B 108 -7.31 2.09 -1.94
C ILE B 108 -6.15 2.54 -1.06
N HIS B 109 -5.13 3.11 -1.66
CA HIS B 109 -4.02 3.75 -0.95
C HIS B 109 -4.12 5.26 -1.13
N ASP B 110 -4.38 5.99 -0.04
CA ASP B 110 -4.42 7.46 -0.03
C ASP B 110 -3.16 8.01 0.61
N GLU B 111 -2.66 9.14 0.10
CA GLU B 111 -1.48 9.74 0.69
C GLU B 111 -1.65 11.25 0.66
N TYR B 112 -1.29 11.90 1.77
CA TYR B 112 -1.46 13.35 1.93
C TYR B 112 -0.08 13.96 2.03
N LYS B 113 0.26 14.84 1.09
CA LYS B 113 1.60 15.45 1.07
C LYS B 113 1.45 16.95 1.19
N VAL B 114 2.03 17.53 2.21
CA VAL B 114 1.84 18.95 2.50
C VAL B 114 3.03 19.73 1.98
N ASN B 115 2.73 20.87 1.35
CA ASN B 115 3.77 21.81 0.89
C ASN B 115 3.25 23.21 1.23
N GLY B 116 3.66 23.72 2.39
CA GLY B 116 3.16 25.01 2.83
C GLY B 116 1.68 24.98 3.11
N ASP B 117 0.94 25.88 2.47
CA ASP B 117 -0.50 25.94 2.57
C ASP B 117 -1.20 25.10 1.53
N GLU B 118 -0.47 24.24 0.83
CA GLU B 118 -1.03 23.38 -0.19
C GLU B 118 -0.95 21.92 0.27
N LEU B 119 -1.99 21.16 -0.05
N LEU B 119 -1.96 21.14 -0.09
CA LEU B 119 -2.01 19.73 0.19
CA LEU B 119 -2.00 19.71 0.23
C LEU B 119 -2.19 19.03 -1.15
C LEU B 119 -2.28 18.93 -1.05
N GLU B 120 -1.36 18.03 -1.40
CA GLU B 120 -1.48 17.19 -2.59
C GLU B 120 -1.91 15.82 -2.11
N LYS B 121 -3.08 15.36 -2.54
CA LYS B 121 -3.56 14.04 -2.17
C LYS B 121 -3.41 13.11 -3.36
N THR B 122 -2.83 11.94 -3.13
CA THR B 122 -2.75 10.90 -4.16
C THR B 122 -3.70 9.77 -3.79
N TYR B 123 -4.39 9.26 -4.80
CA TYR B 123 -5.37 8.17 -4.66
C TYR B 123 -4.92 7.06 -5.58
N LYS B 124 -4.82 5.83 -5.05
CA LYS B 124 -4.37 4.72 -5.89
C LYS B 124 -5.26 3.52 -5.63
N VAL B 125 -5.71 2.87 -6.70
CA VAL B 125 -6.43 1.61 -6.60
C VAL B 125 -6.00 0.77 -7.80
N GLY B 126 -5.61 -0.48 -7.54
CA GLY B 126 -4.97 -1.27 -8.59
C GLY B 126 -3.84 -0.50 -9.23
N ASP B 127 -3.86 -0.38 -10.56
CA ASP B 127 -2.82 0.36 -11.26
C ASP B 127 -3.29 1.73 -11.72
N VAL B 128 -4.31 2.29 -11.06
CA VAL B 128 -4.82 3.62 -11.40
C VAL B 128 -4.37 4.59 -10.32
N THR B 129 -3.79 5.72 -10.72
CA THR B 129 -3.37 6.76 -9.79
C THR B 129 -4.07 8.06 -10.14
N ALA B 130 -4.63 8.74 -9.13
CA ALA B 130 -5.22 10.05 -9.30
C ALA B 130 -4.61 11.00 -8.27
N LYS B 131 -4.65 12.30 -8.59
CA LYS B 131 -4.19 13.32 -7.64
C LYS B 131 -5.19 14.47 -7.59
N ARG B 132 -5.33 15.06 -6.40
CA ARG B 132 -6.08 16.29 -6.25
C ARG B 132 -5.30 17.24 -5.37
N TRP B 133 -5.37 18.54 -5.66
CA TRP B 133 -4.68 19.53 -4.85
C TRP B 133 -5.68 20.35 -4.05
N TYR B 134 -5.31 20.65 -2.81
CA TYR B 134 -6.12 21.38 -1.85
C TYR B 134 -5.34 22.58 -1.33
N LYS B 135 -6.07 23.60 -0.91
CA LYS B 135 -5.49 24.77 -0.29
C LYS B 135 -6.11 24.95 1.10
N LYS B 136 -5.35 25.57 1.99
CA LYS B 136 -5.87 25.87 3.32
C LYS B 136 -7.05 26.82 3.23
N SER B 137 -7.94 26.71 4.20
CA SER B 137 -9.05 27.65 4.29
C SER B 137 -9.57 27.73 5.71
ZN ZN C . -2.18 -1.74 0.87
ZN ZN D . 16.07 3.21 5.86
MG MG E . 13.41 -11.34 0.20
C1 EDO F . 26.76 -11.03 0.88
C1 EDO F . 27.04 -10.49 0.03
O1 EDO F . 26.73 -12.08 -0.10
O1 EDO F . 26.96 -11.04 1.35
C2 EDO F . 27.17 -9.70 0.23
C2 EDO F . 27.23 -8.98 0.11
O2 EDO F . 27.23 -8.67 1.22
O2 EDO F . 27.12 -8.42 -1.20
C1 EDO G . 5.16 -23.77 -3.30
O1 EDO G . 5.92 -23.61 -4.51
C2 EDO G . 6.04 -24.37 -2.21
O2 EDO G . 5.93 -23.59 -1.01
C1 EDO H . -5.76 -5.86 -3.96
C1 EDO H . -4.03 -3.82 -4.16
O1 EDO H . -5.49 -6.97 -3.10
O1 EDO H . -5.15 -4.69 -3.97
C2 EDO H . -4.43 -5.22 -4.36
C2 EDO H . -3.40 -4.06 -5.53
O2 EDO H . -4.63 -3.84 -4.66
O2 EDO H . -2.21 -3.29 -5.66
C1 EDO I . 3.78 -14.00 -0.99
O1 EDO I . 3.69 -15.40 -0.75
C2 EDO I . 3.62 -13.71 -2.48
O2 EDO I . 4.03 -12.37 -2.74
C1 EDO J . 5.18 -11.87 2.57
O1 EDO J . 5.06 -11.61 1.16
C2 EDO J . 5.93 -10.73 3.24
O2 EDO J . 7.24 -10.59 2.71
C1 EDO K . 4.04 -20.74 3.87
O1 EDO K . 3.47 -21.70 4.78
C2 EDO K . 4.14 -19.37 4.54
O2 EDO K . 5.22 -19.35 5.47
C1 EDO L . 2.84 -15.43 6.39
O1 EDO L . 2.35 -15.25 7.72
C2 EDO L . 3.11 -14.08 5.74
O2 EDO L . 3.72 -14.26 4.47
C1 EDO M . 15.20 -15.26 5.64
O1 EDO M . 14.43 -16.06 6.56
C2 EDO M . 16.05 -14.27 6.44
O2 EDO M . 16.85 -14.99 7.39
CL CL N . -9.39 -6.72 3.87
C1 SHV O . 12.40 -12.58 1.97
O1 SHV O . 11.53 -12.42 1.07
O2 SHV O . 13.21 -11.64 2.23
C2 SHV O . 12.47 -13.90 2.75
C3 SHV O . 11.75 -13.75 4.09
C4 SHV O . 10.25 -13.95 3.90
C5 SHV O . 9.51 -13.64 5.20
C6 SHV O . 8.28 -12.80 4.89
C7 SHV O . 7.10 -13.23 5.76
ZN ZN P . -12.25 18.38 21.94
ZN ZN Q . -13.61 11.36 18.54
ZN ZN R . -8.38 -6.04 2.01
ZN ZN S . -20.38 16.77 -11.46
MG MG T . -10.17 14.49 -1.36
C1 EDO U . -3.92 -0.19 -4.23
C1 EDO U . -3.99 -0.13 -4.16
O1 EDO U . -4.86 -1.12 -4.79
O1 EDO U . -5.03 -0.90 -4.78
C2 EDO U . -2.99 0.36 -5.31
C2 EDO U . -2.87 0.13 -5.16
O2 EDO U . -2.35 -0.74 -5.98
O2 EDO U . -2.15 1.29 -4.77
C1 EDO V . -5.79 25.34 -11.32
O1 EDO V . -4.75 24.65 -12.03
C2 EDO V . -5.40 25.43 -9.85
O2 EDO V . -6.58 25.54 -9.07
C1 EDO W . -7.26 -1.66 6.64
O1 EDO W . -8.09 -2.64 7.27
C2 EDO W . -5.87 -2.25 6.56
O2 EDO W . -5.30 -2.25 7.88
C1 EDO X . -10.33 26.60 -8.02
O1 EDO X . -11.15 25.95 -7.03
C2 EDO X . -8.95 26.94 -7.47
O2 EDO X . -9.04 27.33 -6.09
C1 EDO Y . -15.45 14.83 -5.26
O1 EDO Y . -16.32 13.70 -5.11
C2 EDO Y . -15.32 15.22 -6.73
O2 EDO Y . -16.58 15.70 -7.21
C1 EDO Z . -12.98 6.82 3.91
O1 EDO Z . -14.31 6.32 3.75
C2 EDO Z . -12.26 6.06 5.02
O2 EDO Z . -10.93 6.61 5.17
CL CL AA . -9.93 -5.78 0.39
C ACY BA . -12.30 12.86 -1.84
O ACY BA . -11.40 12.45 -1.07
OXT ACY BA . -12.16 13.83 -2.63
CH3 ACY BA . -13.62 12.15 -1.85
#